data_1U3C
#
_entry.id   1U3C
#
_cell.length_a   169.430
_cell.length_b   169.430
_cell.length_c   104.245
_cell.angle_alpha   90.00
_cell.angle_beta   90.00
_cell.angle_gamma   120.00
#
_symmetry.space_group_name_H-M   'P 63 2 2'
#
loop_
_entity.id
_entity.type
_entity.pdbx_description
1 polymer 'Cryptochrome 1 apoprotein'
2 non-polymer 'MAGNESIUM ION'
3 non-polymer 'CHLORIDE ION'
4 non-polymer 'FLAVIN-ADENINE DINUCLEOTIDE'
5 non-polymer 'ETHYL DIMETHYL AMMONIO PROPANE SULFONATE'
6 non-polymer HEXANE-1,6-DIOL
7 water water
#
_entity_poly.entity_id   1
_entity_poly.type   'polypeptide(L)'
_entity_poly.pdbx_seq_one_letter_code
;MSGSVSGCGSGGCSIVWFRRDLRVEDNPALAAAVRAGPVIALFVWAPEEEGHYHPGRVSRWWLKNSLAQLDSSLRSLGTC
LITKRSTDSVASLLDVVKSTGASQIFFNHLYDPLSLVRDHRAKDVLTAQGIAVRSFNADLLYEPWEVTDELGRPFSMFAA
FWERCLSMPYDPESPLLPPKKIISGDVSKCVADPLVFEDDSEKGSNALLARAWSPGWSNGDKALTTFINGPLLEYSKNRR
KADSATTSFLSPHLHFGEVSVRKVFHLVRIKQVAWANEGNEAGEESVNLFLKSIGLREYSRYISFNHPYSHERPLLGHLK
FFPWAVDENYFKAWRQGRTGYPLVDAGMRELWATGWLHDRIRVVVSSFFVKVLQLPWRWGMKYFWDTLLDADLESDALGW
QYITGTLPDSREFDRIDNPQFEGYKFDPNGEYVRRWLPELSRLPTDWIHHPWNAPESVLQAAGIELGSNYPLPIVGLDEA
KARLHEALSQMWQLEAASRAAIENGSEEG
;
_entity_poly.pdbx_strand_id   A
#
loop_
_chem_comp.id
_chem_comp.type
_chem_comp.name
_chem_comp.formula
CL non-polymer 'CHLORIDE ION' 'Cl -1'
FAD non-polymer 'FLAVIN-ADENINE DINUCLEOTIDE' 'C27 H33 N9 O15 P2'
HEZ non-polymer HEXANE-1,6-DIOL 'C6 H14 O2'
MG non-polymer 'MAGNESIUM ION' 'Mg 2'
NDS non-polymer 'ETHYL DIMETHYL AMMONIO PROPANE SULFONATE' 'C7 H17 N O3 S'
#
# COMPACT_ATOMS: atom_id res chain seq x y z
N CYS A 13 8.59 29.19 -19.67
CA CYS A 13 7.89 28.57 -18.50
C CYS A 13 7.28 27.20 -18.79
N SER A 14 7.33 26.34 -17.79
N SER A 14 7.40 26.27 -17.83
CA SER A 14 6.78 25.00 -17.87
CA SER A 14 6.84 24.91 -17.91
C SER A 14 6.44 24.57 -16.45
C SER A 14 6.50 24.45 -16.48
N ILE A 15 5.30 23.92 -16.29
CA ILE A 15 4.86 23.45 -14.98
C ILE A 15 4.95 21.95 -14.71
N VAL A 16 5.64 21.57 -13.63
CA VAL A 16 5.75 20.16 -13.24
C VAL A 16 4.76 19.90 -12.08
N TRP A 17 3.75 19.08 -12.35
CA TRP A 17 2.73 18.76 -11.36
C TRP A 17 2.99 17.44 -10.63
N PHE A 18 3.51 17.56 -9.41
CA PHE A 18 3.84 16.43 -8.55
C PHE A 18 2.58 15.91 -7.85
N ARG A 19 2.41 14.59 -7.78
CA ARG A 19 1.27 14.01 -7.05
C ARG A 19 1.78 12.89 -6.14
N ARG A 20 2.17 11.75 -6.71
CA ARG A 20 2.72 10.64 -5.91
C ARG A 20 3.92 10.07 -6.65
N ASP A 21 4.85 10.99 -6.92
CA ASP A 21 6.12 10.76 -7.63
C ASP A 21 7.13 11.71 -6.95
N LEU A 22 7.11 11.73 -5.63
CA LEU A 22 7.95 12.61 -4.86
C LEU A 22 9.44 12.30 -4.90
N ARG A 23 10.06 12.50 -6.06
CA ARG A 23 11.49 12.23 -6.21
C ARG A 23 12.08 12.97 -7.40
N VAL A 24 13.40 13.18 -7.38
CA VAL A 24 14.07 13.88 -8.47
C VAL A 24 14.83 12.92 -9.39
N GLU A 25 15.04 11.70 -8.92
CA GLU A 25 15.73 10.72 -9.74
C GLU A 25 14.69 9.96 -10.56
N ASP A 26 15.05 9.63 -11.77
CA ASP A 26 14.16 8.92 -12.67
C ASP A 26 12.72 9.39 -12.60
N ASN A 27 12.53 10.67 -12.89
CA ASN A 27 11.21 11.30 -12.90
C ASN A 27 11.01 11.87 -14.32
N PRO A 28 10.40 11.08 -15.20
CA PRO A 28 10.18 11.51 -16.59
C PRO A 28 9.60 12.93 -16.75
N ALA A 29 8.50 13.24 -16.06
CA ALA A 29 7.91 14.58 -16.17
C ALA A 29 8.92 15.66 -15.81
N LEU A 30 9.59 15.53 -14.67
CA LEU A 30 10.57 16.54 -14.27
C LEU A 30 11.65 16.69 -15.36
N ALA A 31 12.24 15.57 -15.77
CA ALA A 31 13.29 15.59 -16.78
C ALA A 31 12.86 16.24 -18.10
N ALA A 32 11.59 16.06 -18.48
CA ALA A 32 11.09 16.65 -19.70
C ALA A 32 10.92 18.17 -19.55
N ALA A 33 10.51 18.61 -18.37
CA ALA A 33 10.33 20.02 -18.13
C ALA A 33 11.68 20.73 -18.16
N VAL A 34 12.66 20.19 -17.46
CA VAL A 34 13.97 20.82 -17.46
C VAL A 34 14.50 20.94 -18.89
N ARG A 35 14.29 19.90 -19.71
CA ARG A 35 14.73 19.91 -21.11
C ARG A 35 14.11 21.10 -21.85
N ALA A 36 12.89 21.42 -21.46
CA ALA A 36 12.07 22.44 -22.08
C ALA A 36 12.22 23.94 -21.86
N GLY A 37 12.60 24.33 -20.66
CA GLY A 37 12.70 25.75 -20.35
C GLY A 37 12.53 25.77 -18.85
N PRO A 38 12.59 26.93 -18.19
CA PRO A 38 12.43 26.91 -16.73
C PRO A 38 11.19 26.20 -16.21
N VAL A 39 11.23 25.83 -14.92
CA VAL A 39 10.14 25.10 -14.28
C VAL A 39 9.56 25.72 -13.02
N ILE A 40 8.32 25.32 -12.73
CA ILE A 40 7.61 25.71 -11.52
C ILE A 40 7.15 24.36 -10.96
N ALA A 41 7.79 23.92 -9.88
CA ALA A 41 7.44 22.64 -9.26
C ALA A 41 6.18 22.87 -8.44
N LEU A 42 5.10 22.18 -8.78
CA LEU A 42 3.85 22.35 -8.07
C LEU A 42 3.29 21.10 -7.40
N PHE A 43 2.72 21.30 -6.23
CA PHE A 43 2.05 20.20 -5.53
C PHE A 43 0.76 20.80 -5.02
N VAL A 44 -0.35 20.13 -5.28
CA VAL A 44 -1.67 20.60 -4.87
C VAL A 44 -2.32 19.63 -3.93
N TRP A 45 -2.68 20.09 -2.74
CA TRP A 45 -3.32 19.24 -1.76
C TRP A 45 -4.83 19.49 -1.80
N ALA A 46 -5.58 18.51 -2.30
CA ALA A 46 -7.04 18.59 -2.42
C ALA A 46 -7.71 17.31 -1.93
N PRO A 47 -7.64 17.04 -0.63
CA PRO A 47 -8.26 15.81 -0.15
C PRO A 47 -9.78 15.60 -0.40
N GLU A 48 -10.64 16.52 0.01
CA GLU A 48 -12.08 16.31 -0.21
C GLU A 48 -12.42 15.76 -1.59
N GLU A 49 -11.51 15.99 -2.51
CA GLU A 49 -11.58 15.53 -3.90
C GLU A 49 -11.37 14.00 -3.93
N GLU A 50 -10.81 13.45 -2.86
CA GLU A 50 -10.50 12.03 -2.73
C GLU A 50 -11.67 11.22 -2.15
N GLY A 51 -12.82 11.88 -2.02
CA GLY A 51 -14.01 11.20 -1.54
C GLY A 51 -13.98 10.59 -0.15
N HIS A 52 -14.26 9.29 -0.13
CA HIS A 52 -14.32 8.51 1.09
C HIS A 52 -12.89 8.07 1.45
N TYR A 53 -11.97 8.31 0.52
CA TYR A 53 -10.60 7.90 0.72
C TYR A 53 -9.53 8.97 0.85
N HIS A 54 -9.78 9.96 1.70
N HIS A 54 -9.78 9.95 1.71
CA HIS A 54 -8.80 11.00 1.96
CA HIS A 54 -8.80 11.00 1.96
C HIS A 54 -7.72 10.35 2.82
C HIS A 54 -7.71 10.32 2.78
N PRO A 55 -6.45 10.76 2.63
CA PRO A 55 -5.34 10.18 3.39
C PRO A 55 -5.55 10.20 4.90
N GLY A 56 -5.16 9.10 5.54
CA GLY A 56 -5.29 8.99 6.98
C GLY A 56 -4.15 9.66 7.72
N ARG A 57 -4.27 9.69 9.05
CA ARG A 57 -3.28 10.31 9.90
C ARG A 57 -1.84 9.93 9.60
N VAL A 58 -1.49 8.65 9.71
CA VAL A 58 -0.10 8.29 9.48
C VAL A 58 0.35 8.50 8.05
N SER A 59 -0.55 8.32 7.09
CA SER A 59 -0.21 8.53 5.69
C SER A 59 0.10 10.02 5.53
N ARG A 60 -0.70 10.88 6.15
CA ARG A 60 -0.48 12.32 6.06
C ARG A 60 0.85 12.73 6.69
N TRP A 61 1.19 12.08 7.80
CA TRP A 61 2.42 12.39 8.50
C TRP A 61 3.56 12.09 7.55
N TRP A 62 3.42 10.99 6.82
CA TRP A 62 4.46 10.59 5.89
C TRP A 62 4.57 11.63 4.76
N LEU A 63 3.41 12.00 4.19
CA LEU A 63 3.38 12.96 3.10
C LEU A 63 4.01 14.29 3.49
N LYS A 64 3.65 14.79 4.68
CA LYS A 64 4.19 16.03 5.20
C LYS A 64 5.72 16.01 5.20
N ASN A 65 6.29 14.93 5.70
CA ASN A 65 7.74 14.83 5.77
C ASN A 65 8.39 14.55 4.42
N SER A 66 7.71 13.80 3.57
CA SER A 66 8.25 13.49 2.27
C SER A 66 8.32 14.78 1.44
N LEU A 67 7.26 15.60 1.49
CA LEU A 67 7.24 16.86 0.74
C LEU A 67 8.30 17.84 1.22
N ALA A 68 8.67 17.76 2.49
CA ALA A 68 9.71 18.67 2.99
C ALA A 68 11.04 18.27 2.34
N GLN A 69 11.31 16.98 2.34
CA GLN A 69 12.54 16.52 1.75
C GLN A 69 12.56 16.83 0.25
N LEU A 70 11.40 16.67 -0.41
CA LEU A 70 11.31 16.96 -1.84
C LEU A 70 11.65 18.41 -2.11
N ASP A 71 11.01 19.31 -1.37
CA ASP A 71 11.25 20.74 -1.51
C ASP A 71 12.74 21.03 -1.33
N SER A 72 13.29 20.49 -0.25
CA SER A 72 14.70 20.68 0.06
C SER A 72 15.58 20.23 -1.10
N SER A 73 15.21 19.12 -1.74
CA SER A 73 15.98 18.61 -2.84
C SER A 73 15.93 19.57 -4.00
N LEU A 74 14.70 19.91 -4.41
CA LEU A 74 14.49 20.85 -5.51
C LEU A 74 15.29 22.13 -5.29
N ARG A 75 15.26 22.66 -4.07
CA ARG A 75 16.03 23.87 -3.81
C ARG A 75 17.50 23.63 -4.10
N SER A 76 18.03 22.50 -3.64
CA SER A 76 19.44 22.17 -3.90
C SER A 76 19.74 22.22 -5.38
N LEU A 77 18.72 21.95 -6.19
CA LEU A 77 18.90 21.94 -7.63
C LEU A 77 18.50 23.25 -8.34
N GLY A 78 18.02 24.23 -7.57
CA GLY A 78 17.66 25.51 -8.16
C GLY A 78 16.26 26.09 -8.08
N THR A 79 15.26 25.27 -7.78
CA THR A 79 13.89 25.78 -7.71
C THR A 79 13.24 25.36 -6.40
N CYS A 80 12.15 26.02 -6.03
CA CYS A 80 11.44 25.68 -4.80
C CYS A 80 10.21 24.87 -5.18
N LEU A 81 9.53 24.31 -4.19
CA LEU A 81 8.32 23.56 -4.47
C LEU A 81 7.19 24.47 -4.07
N ILE A 82 6.27 24.74 -5.00
CA ILE A 82 5.15 25.59 -4.71
C ILE A 82 3.97 24.72 -4.36
N THR A 83 3.44 24.94 -3.15
CA THR A 83 2.30 24.16 -2.67
C THR A 83 1.02 24.97 -2.63
N LYS A 84 -0.07 24.33 -3.04
CA LYS A 84 -1.35 25.00 -3.07
C LYS A 84 -2.40 24.16 -2.40
N ARG A 85 -3.19 24.81 -1.57
CA ARG A 85 -4.27 24.15 -0.86
C ARG A 85 -5.56 24.51 -1.60
N SER A 86 -6.33 23.50 -2.00
CA SER A 86 -7.56 23.77 -2.72
C SER A 86 -8.56 22.62 -2.69
N THR A 87 -9.72 22.85 -3.28
CA THR A 87 -10.75 21.85 -3.31
C THR A 87 -10.81 21.24 -4.70
N ASP A 88 -10.13 21.87 -5.65
CA ASP A 88 -10.10 21.38 -7.02
C ASP A 88 -8.71 21.56 -7.62
N SER A 89 -7.97 20.46 -7.76
CA SER A 89 -6.63 20.51 -8.31
C SER A 89 -6.60 21.11 -9.70
N VAL A 90 -7.53 20.66 -10.54
CA VAL A 90 -7.64 21.17 -11.91
C VAL A 90 -7.73 22.70 -11.90
N ALA A 91 -8.62 23.23 -11.07
CA ALA A 91 -8.79 24.68 -10.97
C ALA A 91 -7.47 25.32 -10.56
N SER A 92 -6.85 24.75 -9.53
CA SER A 92 -5.57 25.26 -9.03
C SER A 92 -4.55 25.33 -10.15
N LEU A 93 -4.53 24.30 -11.01
CA LEU A 93 -3.60 24.30 -12.13
C LEU A 93 -3.80 25.56 -12.95
N LEU A 94 -5.04 25.76 -13.39
CA LEU A 94 -5.43 26.90 -14.21
C LEU A 94 -5.03 28.23 -13.59
N ASP A 95 -5.27 28.38 -12.30
CA ASP A 95 -4.93 29.63 -11.66
C ASP A 95 -3.40 29.81 -11.59
N VAL A 96 -2.67 28.70 -11.55
CA VAL A 96 -1.22 28.77 -11.51
C VAL A 96 -0.71 29.18 -12.88
N VAL A 97 -1.18 28.50 -13.93
CA VAL A 97 -0.75 28.83 -15.27
C VAL A 97 -1.19 30.28 -15.57
N LYS A 98 -2.47 30.56 -15.31
CA LYS A 98 -3.03 31.89 -15.54
C LYS A 98 -2.59 32.90 -14.52
N SER A 99 -1.31 32.86 -14.15
CA SER A 99 -0.76 33.78 -13.17
C SER A 99 0.73 33.82 -13.41
N THR A 100 1.22 32.67 -13.85
CA THR A 100 2.61 32.44 -14.12
C THR A 100 2.90 32.60 -15.60
N GLY A 101 1.94 32.21 -16.42
CA GLY A 101 2.11 32.30 -17.86
C GLY A 101 2.85 31.09 -18.38
N ALA A 102 2.47 29.92 -17.88
CA ALA A 102 3.09 28.68 -18.31
C ALA A 102 2.31 28.14 -19.50
N SER A 103 3.00 27.48 -20.41
CA SER A 103 2.35 26.94 -21.59
C SER A 103 2.19 25.42 -21.56
N GLN A 104 3.04 24.75 -20.79
CA GLN A 104 2.97 23.30 -20.69
C GLN A 104 2.94 22.84 -19.24
N ILE A 105 2.35 21.68 -19.05
CA ILE A 105 2.25 21.07 -17.74
C ILE A 105 2.64 19.60 -17.89
N PHE A 106 3.70 19.20 -17.19
CA PHE A 106 4.17 17.81 -17.24
C PHE A 106 3.83 17.08 -15.93
N PHE A 107 3.30 15.87 -16.05
CA PHE A 107 2.99 15.09 -14.87
C PHE A 107 3.13 13.60 -15.15
N ASN A 108 3.21 12.80 -14.08
CA ASN A 108 3.33 11.35 -14.22
C ASN A 108 1.99 10.69 -13.92
N HIS A 109 1.69 9.60 -14.63
CA HIS A 109 0.43 8.86 -14.45
C HIS A 109 0.17 8.24 -13.09
N LEU A 110 -1.11 8.00 -12.83
CA LEU A 110 -1.57 7.37 -11.61
C LEU A 110 -2.69 6.46 -12.10
N TYR A 111 -2.88 5.30 -11.48
CA TYR A 111 -3.88 4.41 -12.01
C TYR A 111 -5.04 4.05 -11.10
N ASP A 112 -5.17 4.73 -9.96
CA ASP A 112 -6.29 4.45 -9.06
C ASP A 112 -7.51 5.15 -9.66
N PRO A 113 -8.70 4.63 -9.37
CA PRO A 113 -9.95 5.20 -9.88
C PRO A 113 -10.11 6.72 -9.73
N LEU A 114 -10.00 7.21 -8.51
CA LEU A 114 -10.14 8.65 -8.27
C LEU A 114 -9.22 9.49 -9.16
N SER A 115 -7.98 9.03 -9.32
CA SER A 115 -6.99 9.73 -10.13
C SER A 115 -7.30 9.69 -11.62
N LEU A 116 -7.78 8.54 -12.07
CA LEU A 116 -8.12 8.34 -13.49
C LEU A 116 -9.07 9.43 -13.97
N VAL A 117 -10.16 9.62 -13.26
CA VAL A 117 -11.12 10.62 -13.67
C VAL A 117 -10.55 12.03 -13.64
N ARG A 118 -10.07 12.45 -12.47
CA ARG A 118 -9.51 13.79 -12.32
C ARG A 118 -8.47 14.10 -13.37
N ASP A 119 -7.60 13.13 -13.67
CA ASP A 119 -6.55 13.34 -14.65
C ASP A 119 -7.09 13.61 -16.05
N HIS A 120 -8.17 12.92 -16.44
CA HIS A 120 -8.78 13.14 -17.76
C HIS A 120 -9.39 14.53 -17.78
N ARG A 121 -10.18 14.82 -16.75
CA ARG A 121 -10.83 16.11 -16.61
C ARG A 121 -9.76 17.21 -16.66
N ALA A 122 -8.55 16.87 -16.25
CA ALA A 122 -7.45 17.82 -16.24
C ALA A 122 -6.92 18.08 -17.66
N LYS A 123 -6.66 17.01 -18.38
CA LYS A 123 -6.16 17.07 -19.75
C LYS A 123 -7.16 17.85 -20.62
N ASP A 124 -8.44 17.53 -20.46
CA ASP A 124 -9.48 18.21 -21.21
C ASP A 124 -9.44 19.71 -20.95
N VAL A 125 -9.83 20.12 -19.74
CA VAL A 125 -9.85 21.53 -19.39
C VAL A 125 -8.59 22.29 -19.77
N LEU A 126 -7.44 21.74 -19.44
CA LEU A 126 -6.17 22.42 -19.73
C LEU A 126 -5.79 22.52 -21.19
N THR A 127 -5.97 21.43 -21.92
CA THR A 127 -5.61 21.45 -23.32
C THR A 127 -6.62 22.34 -24.06
N ALA A 128 -7.89 22.16 -23.70
CA ALA A 128 -8.96 22.93 -24.29
C ALA A 128 -8.95 24.35 -23.72
N GLN A 129 -7.77 24.84 -23.40
CA GLN A 129 -7.63 26.18 -22.84
C GLN A 129 -6.28 26.73 -23.26
N GLY A 130 -5.67 26.03 -24.21
CA GLY A 130 -4.39 26.45 -24.75
C GLY A 130 -3.16 26.00 -23.99
N ILE A 131 -3.24 24.87 -23.31
CA ILE A 131 -2.09 24.39 -22.55
C ILE A 131 -1.67 22.98 -23.01
N ALA A 132 -0.38 22.83 -23.30
CA ALA A 132 0.17 21.55 -23.74
C ALA A 132 0.35 20.64 -22.53
N VAL A 133 -0.27 19.47 -22.54
CA VAL A 133 -0.13 18.55 -21.42
C VAL A 133 0.50 17.20 -21.81
N ARG A 134 1.65 16.88 -21.22
CA ARG A 134 2.33 15.63 -21.49
C ARG A 134 2.39 14.74 -20.23
N SER A 135 2.21 13.43 -20.41
CA SER A 135 2.21 12.46 -19.31
C SER A 135 3.24 11.37 -19.51
N PHE A 136 3.80 10.88 -18.42
CA PHE A 136 4.80 9.83 -18.52
C PHE A 136 4.59 8.73 -17.50
N ASN A 137 5.41 7.69 -17.59
CA ASN A 137 5.34 6.54 -16.68
C ASN A 137 6.42 6.72 -15.62
N ALA A 138 6.02 6.96 -14.38
CA ALA A 138 6.98 7.11 -13.31
C ALA A 138 6.76 6.04 -12.28
N ASP A 139 5.62 5.37 -12.33
CA ASP A 139 5.30 4.40 -11.31
C ASP A 139 5.26 2.91 -11.63
N LEU A 140 5.54 2.54 -12.87
CA LEU A 140 5.49 1.14 -13.20
C LEU A 140 6.62 0.74 -14.11
N LEU A 141 6.78 -0.56 -14.26
CA LEU A 141 7.82 -1.10 -15.14
C LEU A 141 7.36 -0.93 -16.57
N TYR A 142 6.06 -1.12 -16.79
CA TYR A 142 5.42 -1.01 -18.10
C TYR A 142 3.99 -0.52 -17.86
N GLU A 143 3.48 0.35 -18.74
CA GLU A 143 2.11 0.83 -18.58
C GLU A 143 1.22 -0.39 -18.74
N PRO A 144 0.12 -0.44 -17.98
CA PRO A 144 -0.76 -1.63 -18.12
C PRO A 144 -1.14 -2.02 -19.56
N TRP A 145 -1.17 -1.05 -20.48
CA TRP A 145 -1.51 -1.39 -21.85
C TRP A 145 -0.38 -2.05 -22.64
N GLU A 146 0.86 -1.92 -22.18
CA GLU A 146 1.99 -2.55 -22.85
C GLU A 146 2.05 -4.04 -22.52
N VAL A 147 1.40 -4.44 -21.43
CA VAL A 147 1.42 -5.83 -20.98
C VAL A 147 0.12 -6.53 -21.30
N THR A 148 0.16 -7.43 -22.25
CA THR A 148 -1.04 -8.14 -22.69
C THR A 148 -0.71 -9.50 -23.28
N ASP A 149 -1.74 -10.32 -23.46
CA ASP A 149 -1.56 -11.65 -24.02
C ASP A 149 -1.44 -11.61 -25.55
N GLU A 150 -1.10 -12.75 -26.15
CA GLU A 150 -0.94 -12.88 -27.60
C GLU A 150 -2.11 -12.28 -28.41
N LEU A 151 -3.34 -12.59 -28.04
CA LEU A 151 -4.46 -12.02 -28.76
C LEU A 151 -4.56 -10.53 -28.50
N GLY A 152 -4.06 -10.07 -27.36
CA GLY A 152 -4.11 -8.64 -27.09
C GLY A 152 -5.02 -8.23 -25.96
N ARG A 153 -5.58 -9.22 -25.28
CA ARG A 153 -6.49 -8.97 -24.16
C ARG A 153 -5.74 -8.92 -22.84
N PRO A 154 -6.26 -8.17 -21.88
CA PRO A 154 -5.61 -8.08 -20.57
C PRO A 154 -5.65 -9.42 -19.86
N PHE A 155 -4.55 -9.82 -19.22
CA PHE A 155 -4.53 -11.10 -18.49
C PHE A 155 -5.52 -11.03 -17.33
N SER A 156 -6.11 -12.16 -16.99
CA SER A 156 -7.07 -12.18 -15.89
C SER A 156 -6.48 -12.74 -14.60
N MET A 157 -5.25 -13.21 -14.64
CA MET A 157 -4.59 -13.75 -13.45
C MET A 157 -3.13 -13.32 -13.30
N PHE A 158 -2.70 -13.18 -12.06
CA PHE A 158 -1.33 -12.74 -11.79
C PHE A 158 -0.21 -13.47 -12.54
N ALA A 159 -0.05 -14.77 -12.30
CA ALA A 159 1.01 -15.56 -12.95
C ALA A 159 1.18 -15.30 -14.45
N ALA A 160 0.08 -15.32 -15.19
CA ALA A 160 0.13 -15.09 -16.63
C ALA A 160 0.65 -13.68 -16.87
N PHE A 161 0.12 -12.73 -16.09
CA PHE A 161 0.51 -11.33 -16.20
C PHE A 161 1.98 -11.12 -15.88
N TRP A 162 2.43 -11.74 -14.80
CA TRP A 162 3.80 -11.57 -14.35
C TRP A 162 4.78 -12.29 -15.25
N GLU A 163 4.36 -13.42 -15.82
CA GLU A 163 5.26 -14.14 -16.69
C GLU A 163 5.48 -13.29 -17.94
N ARG A 164 4.45 -12.58 -18.40
CA ARG A 164 4.61 -11.73 -19.57
C ARG A 164 5.50 -10.55 -19.23
N CYS A 165 5.26 -9.92 -18.08
CA CYS A 165 6.08 -8.77 -17.66
C CYS A 165 7.57 -9.09 -17.69
N LEU A 166 7.94 -10.27 -17.22
CA LEU A 166 9.34 -10.66 -17.18
C LEU A 166 9.88 -11.13 -18.53
N SER A 167 9.00 -11.43 -19.47
CA SER A 167 9.44 -11.91 -20.78
C SER A 167 9.08 -10.94 -21.92
N MET A 168 9.08 -9.65 -21.63
CA MET A 168 8.76 -8.63 -22.62
C MET A 168 9.83 -8.45 -23.69
N PRO A 169 9.42 -8.11 -24.91
CA PRO A 169 10.35 -7.91 -26.01
C PRO A 169 11.35 -6.77 -25.77
N TYR A 170 11.09 -5.95 -24.75
CA TYR A 170 11.99 -4.84 -24.42
C TYR A 170 12.06 -4.59 -22.92
N ASP A 171 13.18 -4.03 -22.48
CA ASP A 171 13.39 -3.75 -21.08
C ASP A 171 12.75 -2.47 -20.59
N PRO A 172 12.51 -2.37 -19.27
CA PRO A 172 11.89 -1.16 -18.71
C PRO A 172 12.89 -0.03 -18.88
N GLU A 173 12.43 1.18 -19.20
CA GLU A 173 13.35 2.31 -19.34
C GLU A 173 14.30 2.34 -18.15
N SER A 174 15.57 2.62 -18.39
CA SER A 174 16.54 2.65 -17.30
C SER A 174 16.52 3.98 -16.55
N PRO A 175 16.69 3.93 -15.22
CA PRO A 175 16.68 5.13 -14.35
C PRO A 175 17.44 6.33 -14.91
N LEU A 176 16.75 7.47 -14.98
CA LEU A 176 17.35 8.71 -15.48
C LEU A 176 17.97 9.44 -14.29
N LEU A 177 19.04 10.18 -14.51
CA LEU A 177 19.67 10.93 -13.43
C LEU A 177 18.77 12.12 -13.15
N PRO A 178 18.80 12.64 -11.93
CA PRO A 178 17.96 13.80 -11.67
C PRO A 178 18.63 14.96 -12.41
N PRO A 179 17.93 16.09 -12.56
CA PRO A 179 18.52 17.23 -13.26
C PRO A 179 19.80 17.65 -12.55
N LYS A 180 20.71 18.32 -13.27
CA LYS A 180 21.92 18.80 -12.63
C LYS A 180 21.59 20.18 -12.10
N LYS A 181 20.70 20.86 -12.81
CA LYS A 181 20.23 22.18 -12.42
C LYS A 181 18.81 22.36 -12.91
N ILE A 182 18.08 23.29 -12.30
CA ILE A 182 16.73 23.59 -12.72
C ILE A 182 16.61 25.11 -12.70
N ILE A 183 15.98 25.70 -13.71
CA ILE A 183 15.82 27.14 -13.68
C ILE A 183 14.39 27.35 -13.19
N SER A 184 14.14 28.29 -12.29
CA SER A 184 12.74 28.44 -11.89
C SER A 184 12.08 29.68 -12.44
N GLY A 185 10.93 29.45 -13.07
CA GLY A 185 10.15 30.51 -13.66
C GLY A 185 9.89 31.67 -12.75
N ASP A 186 9.10 31.50 -11.73
CA ASP A 186 8.89 32.68 -10.94
C ASP A 186 9.12 32.39 -9.46
N VAL A 187 10.29 32.82 -9.00
CA VAL A 187 10.67 32.58 -7.62
C VAL A 187 9.96 33.48 -6.64
N SER A 188 9.15 34.41 -7.14
CA SER A 188 8.42 35.28 -6.23
C SER A 188 7.20 34.50 -5.70
N LYS A 189 6.95 33.35 -6.32
CA LYS A 189 5.83 32.49 -5.95
C LYS A 189 6.17 31.39 -4.96
N CYS A 190 7.44 31.27 -4.61
CA CYS A 190 7.91 30.26 -3.66
C CYS A 190 7.18 30.26 -2.32
N VAL A 191 6.86 31.45 -1.82
CA VAL A 191 6.14 31.58 -0.56
C VAL A 191 4.69 31.38 -0.98
N ALA A 192 4.16 30.18 -0.73
CA ALA A 192 2.82 29.86 -1.15
C ALA A 192 1.82 29.53 -0.08
N ASP A 193 1.11 28.42 -0.25
CA ASP A 193 0.08 27.97 0.70
C ASP A 193 0.64 27.00 1.71
N PRO A 194 0.50 27.31 3.00
CA PRO A 194 1.05 26.35 3.97
C PRO A 194 0.06 25.18 3.99
N LEU A 195 0.56 23.96 4.10
CA LEU A 195 -0.28 22.79 4.11
C LEU A 195 -0.33 22.24 5.53
N VAL A 196 -1.52 21.97 6.05
CA VAL A 196 -1.56 21.42 7.40
C VAL A 196 -2.02 19.94 7.39
N PHE A 197 -1.06 19.07 7.69
CA PHE A 197 -1.27 17.62 7.70
C PHE A 197 -1.53 16.99 9.07
N GLU A 198 -1.54 17.79 10.13
CA GLU A 198 -1.77 17.29 11.48
C GLU A 198 -2.56 18.27 12.32
N ASP A 199 -3.46 17.77 13.16
CA ASP A 199 -4.19 18.61 14.08
C ASP A 199 -3.40 18.31 15.36
N ASP A 200 -3.60 19.07 16.44
CA ASP A 200 -2.86 18.85 17.71
C ASP A 200 -3.04 17.45 18.29
N SER A 201 -4.25 16.92 18.16
CA SER A 201 -4.52 15.57 18.62
C SER A 201 -3.56 14.61 17.90
N GLU A 202 -3.57 14.67 16.57
CA GLU A 202 -2.74 13.82 15.74
C GLU A 202 -1.24 13.98 15.94
N LYS A 203 -0.79 15.20 16.24
CA LYS A 203 0.63 15.46 16.48
C LYS A 203 1.04 14.51 17.59
N GLY A 204 0.18 14.41 18.60
CA GLY A 204 0.42 13.51 19.72
C GLY A 204 0.59 12.07 19.28
N SER A 205 -0.41 11.54 18.58
CA SER A 205 -0.32 10.17 18.08
C SER A 205 0.84 9.93 17.09
N ASN A 206 1.42 10.98 16.50
CA ASN A 206 2.50 10.75 15.54
C ASN A 206 3.87 10.72 16.16
N ALA A 207 3.98 11.20 17.38
CA ALA A 207 5.25 11.28 18.09
C ALA A 207 6.28 10.13 17.95
N LEU A 208 5.87 8.88 17.77
CA LEU A 208 6.89 7.83 17.66
C LEU A 208 7.32 7.48 16.25
N LEU A 209 6.52 7.88 15.25
CA LEU A 209 6.84 7.59 13.86
C LEU A 209 8.27 7.99 13.45
N ALA A 210 8.66 9.23 13.77
CA ALA A 210 10.00 9.71 13.44
C ALA A 210 11.10 8.81 13.98
N ARG A 211 10.77 8.02 15.00
CA ARG A 211 11.76 7.17 15.59
C ARG A 211 12.02 5.93 14.75
N ALA A 212 11.04 5.55 13.93
CA ALA A 212 11.15 4.35 13.11
C ALA A 212 11.31 4.61 11.63
N TRP A 213 10.66 5.65 11.12
CA TRP A 213 10.73 5.95 9.69
C TRP A 213 11.31 7.31 9.32
N SER A 214 11.83 7.38 8.10
CA SER A 214 12.39 8.61 7.55
C SER A 214 11.80 8.77 6.14
N PRO A 215 10.62 9.39 6.05
CA PRO A 215 9.94 9.61 4.77
C PRO A 215 10.85 10.34 3.77
N GLY A 216 10.50 10.27 2.47
CA GLY A 216 11.30 10.95 1.47
C GLY A 216 12.14 10.06 0.57
N TRP A 217 12.57 10.61 -0.56
CA TRP A 217 13.34 9.82 -1.51
C TRP A 217 14.76 9.46 -1.07
N SER A 218 15.42 10.38 -0.38
CA SER A 218 16.78 10.13 0.06
C SER A 218 16.85 8.88 0.89
N ASN A 219 16.03 8.81 1.92
CA ASN A 219 15.97 7.66 2.82
C ASN A 219 15.38 6.44 2.15
N GLY A 220 14.59 6.65 1.11
CA GLY A 220 14.02 5.52 0.40
C GLY A 220 15.18 4.83 -0.29
N ASP A 221 16.08 5.65 -0.83
CA ASP A 221 17.25 5.18 -1.52
C ASP A 221 18.10 4.38 -0.57
N LYS A 222 18.26 4.94 0.63
CA LYS A 222 19.03 4.30 1.68
C LYS A 222 18.42 2.92 2.00
N ALA A 223 17.09 2.85 2.13
CA ALA A 223 16.40 1.60 2.44
C ALA A 223 16.60 0.55 1.37
N LEU A 224 16.47 0.97 0.12
CA LEU A 224 16.66 0.04 -1.01
C LEU A 224 18.06 -0.57 -0.92
N THR A 225 19.06 0.29 -0.72
CA THR A 225 20.46 -0.14 -0.62
C THR A 225 20.64 -1.14 0.51
N THR A 226 20.14 -0.78 1.71
CA THR A 226 20.21 -1.65 2.86
C THR A 226 19.64 -3.02 2.52
N PHE A 227 18.45 -3.01 1.96
CA PHE A 227 17.76 -4.25 1.62
C PHE A 227 18.51 -5.16 0.67
N ILE A 228 18.89 -4.63 -0.48
CA ILE A 228 19.58 -5.41 -1.47
C ILE A 228 20.92 -5.94 -1.01
N ASN A 229 21.60 -5.16 -0.20
CA ASN A 229 22.91 -5.56 0.27
C ASN A 229 22.87 -6.36 1.53
N GLY A 230 21.68 -6.63 2.03
CA GLY A 230 21.59 -7.40 3.25
C GLY A 230 20.51 -8.45 3.13
N PRO A 231 19.37 -8.21 3.78
CA PRO A 231 18.18 -9.07 3.83
C PRO A 231 17.73 -9.78 2.53
N LEU A 232 17.91 -9.17 1.36
CA LEU A 232 17.41 -9.84 0.15
C LEU A 232 17.84 -11.29 0.03
N LEU A 233 19.10 -11.57 0.38
CA LEU A 233 19.64 -12.93 0.32
C LEU A 233 18.75 -13.93 1.07
N GLU A 234 18.26 -13.56 2.23
CA GLU A 234 17.42 -14.44 3.01
C GLU A 234 15.95 -14.06 2.94
N TYR A 235 15.57 -13.33 1.90
CA TYR A 235 14.19 -12.91 1.77
C TYR A 235 13.27 -14.10 1.75
N SER A 236 13.64 -15.09 0.96
CA SER A 236 12.85 -16.29 0.83
C SER A 236 12.78 -17.14 2.09
N LYS A 237 13.89 -17.37 2.76
CA LYS A 237 13.84 -18.18 3.97
C LYS A 237 13.25 -17.45 5.17
N ASN A 238 12.87 -16.20 4.97
CA ASN A 238 12.31 -15.41 6.06
C ASN A 238 10.85 -15.04 5.81
N ARG A 239 10.18 -15.74 4.90
CA ARG A 239 8.78 -15.42 4.59
C ARG A 239 7.81 -15.67 5.73
N ARG A 240 8.25 -16.42 6.74
CA ARG A 240 7.39 -16.74 7.87
C ARG A 240 7.79 -16.03 9.17
N LYS A 241 8.46 -14.89 9.03
CA LYS A 241 8.87 -14.10 10.19
C LYS A 241 7.86 -12.96 10.29
N ALA A 242 7.10 -12.92 11.37
CA ALA A 242 6.06 -11.93 11.56
C ALA A 242 6.47 -10.49 11.87
N ASP A 243 7.47 -10.30 12.73
CA ASP A 243 7.86 -8.94 13.08
C ASP A 243 9.38 -8.75 13.08
N SER A 244 10.00 -8.99 11.93
CA SER A 244 11.45 -8.85 11.83
C SER A 244 11.90 -8.05 10.61
N ALA A 245 13.04 -7.39 10.74
CA ALA A 245 13.58 -6.61 9.64
C ALA A 245 14.04 -7.51 8.48
N THR A 246 13.14 -8.36 7.99
CA THR A 246 13.47 -9.27 6.90
C THR A 246 12.96 -8.83 5.53
N THR A 247 12.22 -7.74 5.49
CA THR A 247 11.70 -7.29 4.22
C THR A 247 12.30 -5.94 3.86
N SER A 248 11.86 -5.36 2.75
CA SER A 248 12.40 -4.10 2.29
C SER A 248 11.91 -2.83 2.99
N PHE A 249 10.67 -2.82 3.42
CA PHE A 249 10.12 -1.63 4.08
C PHE A 249 10.04 -0.45 3.13
N LEU A 250 9.94 -0.75 1.84
CA LEU A 250 9.84 0.29 0.84
C LEU A 250 8.39 0.69 0.50
N SER A 251 7.39 -0.07 0.95
CA SER A 251 6.01 0.23 0.59
C SER A 251 5.54 1.69 0.79
N PRO A 252 5.82 2.29 1.97
CA PRO A 252 5.39 3.68 2.19
C PRO A 252 6.09 4.56 1.17
N HIS A 253 7.39 4.32 0.96
CA HIS A 253 8.17 5.06 -0.02
C HIS A 253 7.57 4.87 -1.42
N LEU A 254 7.35 3.60 -1.78
CA LEU A 254 6.80 3.29 -3.08
C LEU A 254 5.46 3.98 -3.30
N HIS A 255 4.59 3.98 -2.30
CA HIS A 255 3.30 4.62 -2.49
C HIS A 255 3.36 6.08 -2.99
N PHE A 256 4.35 6.86 -2.53
CA PHE A 256 4.45 8.26 -2.96
C PHE A 256 5.51 8.47 -4.03
N GLY A 257 5.88 7.40 -4.73
CA GLY A 257 6.86 7.52 -5.78
C GLY A 257 8.21 8.07 -5.36
N GLU A 258 8.59 7.86 -4.10
CA GLU A 258 9.87 8.34 -3.59
C GLU A 258 11.01 7.46 -4.06
N VAL A 259 10.67 6.29 -4.59
CA VAL A 259 11.66 5.36 -5.08
C VAL A 259 11.14 4.74 -6.36
N SER A 260 12.00 4.71 -7.38
CA SER A 260 11.62 4.16 -8.68
C SER A 260 11.67 2.64 -8.71
N VAL A 261 10.53 2.00 -8.96
CA VAL A 261 10.52 0.54 -9.04
C VAL A 261 11.43 0.10 -10.18
N ARG A 262 11.60 0.96 -11.16
CA ARG A 262 12.45 0.61 -12.28
C ARG A 262 13.87 0.51 -11.79
N LYS A 263 14.22 1.32 -10.81
CA LYS A 263 15.55 1.27 -10.26
C LYS A 263 15.62 0.00 -9.41
N VAL A 264 14.58 -0.24 -8.63
CA VAL A 264 14.51 -1.43 -7.79
C VAL A 264 14.69 -2.68 -8.65
N PHE A 265 13.99 -2.69 -9.79
CA PHE A 265 14.03 -3.82 -10.70
C PHE A 265 15.43 -4.02 -11.27
N HIS A 266 16.10 -2.92 -11.59
CA HIS A 266 17.44 -2.99 -12.16
C HIS A 266 18.43 -3.57 -11.13
N LEU A 267 18.43 -3.04 -9.92
CA LEU A 267 19.36 -3.53 -8.88
C LEU A 267 19.07 -5.01 -8.57
N VAL A 268 17.80 -5.39 -8.50
CA VAL A 268 17.45 -6.78 -8.20
C VAL A 268 17.89 -7.66 -9.34
N ARG A 269 17.73 -7.18 -10.56
CA ARG A 269 18.09 -7.96 -11.73
C ARG A 269 19.62 -8.18 -11.82
N ILE A 270 20.40 -7.24 -11.34
CA ILE A 270 21.85 -7.39 -11.37
C ILE A 270 22.28 -8.42 -10.31
N LYS A 271 21.60 -8.40 -9.17
CA LYS A 271 21.93 -9.34 -8.11
C LYS A 271 21.57 -10.74 -8.61
N GLN A 272 20.40 -10.88 -9.22
CA GLN A 272 19.99 -12.17 -9.72
C GLN A 272 21.03 -12.80 -10.67
N VAL A 273 21.58 -12.00 -11.59
CA VAL A 273 22.56 -12.52 -12.51
C VAL A 273 23.79 -12.96 -11.77
N ALA A 274 24.26 -12.14 -10.85
CA ALA A 274 25.44 -12.46 -10.04
C ALA A 274 25.22 -13.75 -9.26
N TRP A 275 24.03 -13.91 -8.68
CA TRP A 275 23.78 -15.12 -7.91
C TRP A 275 23.54 -16.33 -8.80
N ALA A 276 22.99 -16.14 -9.99
CA ALA A 276 22.78 -17.30 -10.86
C ALA A 276 24.15 -17.81 -11.18
N ASN A 277 25.02 -16.88 -11.53
CA ASN A 277 26.39 -17.22 -11.88
C ASN A 277 27.04 -18.07 -10.77
N GLU A 278 27.01 -17.54 -9.55
CA GLU A 278 27.58 -18.23 -8.38
C GLU A 278 26.85 -19.54 -8.08
N GLY A 279 25.65 -19.70 -8.63
CA GLY A 279 24.91 -20.91 -8.34
C GLY A 279 24.44 -20.93 -6.89
N ASN A 280 24.09 -19.75 -6.39
CA ASN A 280 23.60 -19.57 -5.02
C ASN A 280 22.07 -19.74 -5.06
N GLU A 281 21.59 -20.95 -4.78
CA GLU A 281 20.16 -21.26 -4.81
C GLU A 281 19.28 -20.43 -3.92
N ALA A 282 19.70 -20.19 -2.68
CA ALA A 282 18.91 -19.40 -1.76
C ALA A 282 18.63 -18.06 -2.37
N GLY A 283 19.71 -17.42 -2.86
CA GLY A 283 19.61 -16.11 -3.48
C GLY A 283 18.65 -16.03 -4.65
N GLU A 284 18.73 -17.00 -5.55
CA GLU A 284 17.85 -16.99 -6.71
C GLU A 284 16.42 -17.04 -6.22
N GLU A 285 16.14 -18.02 -5.38
CA GLU A 285 14.80 -18.20 -4.83
C GLU A 285 14.30 -16.91 -4.18
N SER A 286 15.15 -16.31 -3.35
CA SER A 286 14.81 -15.05 -2.69
C SER A 286 14.55 -13.93 -3.71
N VAL A 287 15.33 -13.94 -4.79
CA VAL A 287 15.18 -12.95 -5.83
C VAL A 287 13.85 -13.18 -6.51
N ASN A 288 13.47 -14.43 -6.70
CA ASN A 288 12.21 -14.69 -7.36
C ASN A 288 11.04 -14.22 -6.55
N LEU A 289 11.02 -14.56 -5.26
CA LEU A 289 9.93 -14.17 -4.38
C LEU A 289 9.81 -12.66 -4.28
N PHE A 290 10.94 -11.96 -4.11
CA PHE A 290 10.91 -10.52 -4.00
C PHE A 290 10.38 -9.88 -5.29
N LEU A 291 10.82 -10.40 -6.43
CA LEU A 291 10.35 -9.92 -7.73
C LEU A 291 8.84 -10.13 -7.84
N LYS A 292 8.36 -11.24 -7.30
CA LYS A 292 6.93 -11.51 -7.34
C LYS A 292 6.23 -10.42 -6.52
N SER A 293 6.91 -9.93 -5.48
CA SER A 293 6.33 -8.88 -4.63
C SER A 293 6.21 -7.62 -5.45
N ILE A 294 7.29 -7.26 -6.13
CA ILE A 294 7.26 -6.08 -6.98
C ILE A 294 6.21 -6.34 -8.05
N GLY A 295 6.12 -7.60 -8.47
CA GLY A 295 5.16 -7.98 -9.47
C GLY A 295 3.74 -7.73 -9.02
N LEU A 296 3.43 -8.09 -7.77
CA LEU A 296 2.10 -7.91 -7.24
C LEU A 296 1.69 -6.44 -7.15
N ARG A 297 2.64 -5.55 -6.94
CA ARG A 297 2.28 -4.15 -6.88
C ARG A 297 1.92 -3.72 -8.31
N GLU A 298 2.75 -4.12 -9.27
CA GLU A 298 2.49 -3.76 -10.68
C GLU A 298 1.10 -4.31 -11.06
N TYR A 299 0.77 -5.50 -10.57
CA TYR A 299 -0.52 -6.10 -10.88
C TYR A 299 -1.68 -5.32 -10.26
N SER A 300 -1.45 -4.70 -9.12
CA SER A 300 -2.53 -3.96 -8.49
C SER A 300 -2.92 -2.80 -9.41
N ARG A 301 -1.95 -2.20 -10.07
CA ARG A 301 -2.25 -1.11 -11.00
C ARG A 301 -2.95 -1.67 -12.24
N TYR A 302 -2.54 -2.86 -12.65
CA TYR A 302 -3.10 -3.50 -13.82
C TYR A 302 -4.59 -3.65 -13.67
N ILE A 303 -4.98 -4.24 -12.54
CA ILE A 303 -6.37 -4.48 -12.21
C ILE A 303 -7.18 -3.20 -12.07
N SER A 304 -6.63 -2.19 -11.40
CA SER A 304 -7.36 -0.94 -11.22
C SER A 304 -7.66 -0.25 -12.55
N PHE A 305 -6.69 -0.34 -13.45
CA PHE A 305 -6.82 0.27 -14.76
C PHE A 305 -7.81 -0.51 -15.60
N ASN A 306 -7.72 -1.84 -15.57
CA ASN A 306 -8.62 -2.68 -16.34
C ASN A 306 -9.98 -2.99 -15.67
N HIS A 307 -10.31 -2.30 -14.58
CA HIS A 307 -11.57 -2.47 -13.86
C HIS A 307 -11.70 -1.09 -13.05
N PRO A 308 -12.13 0.04 -13.68
CA PRO A 308 -12.17 1.27 -12.88
C PRO A 308 -12.90 1.43 -11.59
N TYR A 309 -13.64 0.44 -11.18
CA TYR A 309 -14.33 0.55 -9.93
C TYR A 309 -13.89 -0.58 -8.97
N SER A 310 -12.70 -1.15 -9.18
CA SER A 310 -12.21 -2.26 -8.33
C SER A 310 -12.07 -1.96 -6.82
N HIS A 311 -11.97 -0.68 -6.43
CA HIS A 311 -11.83 -0.36 -5.00
C HIS A 311 -13.14 -0.51 -4.24
N GLU A 312 -14.22 -0.80 -4.96
CA GLU A 312 -15.53 -0.96 -4.34
C GLU A 312 -16.35 -2.08 -4.98
N ARG A 313 -16.14 -2.31 -6.28
CA ARG A 313 -16.88 -3.33 -7.02
C ARG A 313 -15.99 -4.57 -7.21
N PRO A 314 -16.49 -5.77 -6.84
CA PRO A 314 -15.66 -6.97 -7.00
C PRO A 314 -15.59 -7.50 -8.43
N LEU A 315 -14.44 -8.10 -8.78
CA LEU A 315 -14.23 -8.67 -10.11
C LEU A 315 -15.16 -9.87 -10.36
N LEU A 316 -15.10 -10.84 -9.45
CA LEU A 316 -15.96 -12.01 -9.54
C LEU A 316 -17.25 -11.68 -8.81
N GLY A 317 -18.36 -12.20 -9.32
CA GLY A 317 -19.63 -11.91 -8.69
C GLY A 317 -20.31 -13.15 -8.13
N HIS A 318 -19.54 -14.23 -7.98
CA HIS A 318 -20.14 -15.45 -7.45
C HIS A 318 -20.57 -15.30 -5.98
N LEU A 319 -20.07 -14.27 -5.31
CA LEU A 319 -20.43 -14.01 -3.91
C LEU A 319 -21.40 -12.84 -3.86
N LYS A 320 -22.16 -12.63 -4.93
CA LYS A 320 -23.12 -11.52 -4.99
C LYS A 320 -24.21 -11.53 -3.94
N PHE A 321 -24.89 -12.65 -3.74
CA PHE A 321 -25.94 -12.68 -2.74
C PHE A 321 -25.48 -13.22 -1.38
N PHE A 322 -24.17 -13.21 -1.13
CA PHE A 322 -23.70 -13.72 0.16
C PHE A 322 -24.14 -12.79 1.30
N PRO A 323 -24.83 -13.33 2.32
CA PRO A 323 -25.32 -12.60 3.49
C PRO A 323 -24.23 -12.20 4.51
N TRP A 324 -23.45 -11.17 4.19
CA TRP A 324 -22.38 -10.73 5.08
C TRP A 324 -22.94 -10.20 6.40
N ALA A 325 -22.30 -10.58 7.49
CA ALA A 325 -22.69 -10.09 8.80
C ALA A 325 -22.34 -8.61 8.77
N VAL A 326 -23.20 -7.80 9.35
CA VAL A 326 -22.99 -6.36 9.38
C VAL A 326 -22.88 -5.90 10.86
N ASP A 327 -22.59 -6.86 11.74
CA ASP A 327 -22.46 -6.65 13.18
C ASP A 327 -21.42 -5.58 13.58
N GLU A 328 -21.92 -4.48 14.14
CA GLU A 328 -21.05 -3.38 14.54
C GLU A 328 -20.03 -3.71 15.63
N ASN A 329 -20.38 -4.55 16.60
CA ASN A 329 -19.37 -4.82 17.61
C ASN A 329 -18.42 -5.94 17.22
N TYR A 330 -18.74 -6.66 16.17
CA TYR A 330 -17.81 -7.66 15.68
C TYR A 330 -16.66 -6.81 15.16
N PHE A 331 -17.05 -5.81 14.39
CA PHE A 331 -16.13 -4.86 13.80
C PHE A 331 -15.29 -4.20 14.88
N LYS A 332 -15.95 -3.64 15.89
CA LYS A 332 -15.23 -2.98 16.95
C LYS A 332 -14.23 -3.94 17.60
N ALA A 333 -14.63 -5.18 17.83
CA ALA A 333 -13.73 -6.12 18.47
C ALA A 333 -12.50 -6.34 17.61
N TRP A 334 -12.72 -6.43 16.30
CA TRP A 334 -11.63 -6.64 15.35
C TRP A 334 -10.65 -5.46 15.40
N ARG A 335 -11.18 -4.25 15.28
CA ARG A 335 -10.34 -3.06 15.32
C ARG A 335 -9.54 -2.97 16.61
N GLN A 336 -10.19 -3.30 17.73
CA GLN A 336 -9.57 -3.19 19.03
C GLN A 336 -8.63 -4.32 19.37
N GLY A 337 -8.68 -5.39 18.59
CA GLY A 337 -7.80 -6.51 18.86
C GLY A 337 -8.38 -7.22 20.06
N ARG A 338 -9.68 -7.45 19.98
CA ARG A 338 -10.38 -8.11 21.06
C ARG A 338 -11.22 -9.26 20.49
N THR A 339 -10.55 -10.13 19.76
CA THR A 339 -11.22 -11.24 19.13
C THR A 339 -11.03 -12.54 19.88
N GLY A 340 -9.99 -12.63 20.69
CA GLY A 340 -9.79 -13.83 21.44
C GLY A 340 -8.69 -14.68 20.87
N TYR A 341 -8.32 -14.42 19.62
CA TYR A 341 -7.25 -15.18 18.98
C TYR A 341 -5.95 -14.39 19.02
N PRO A 342 -5.05 -14.76 19.91
CA PRO A 342 -3.76 -14.08 20.05
C PRO A 342 -3.09 -13.45 18.84
N LEU A 343 -2.83 -14.23 17.79
CA LEU A 343 -2.17 -13.70 16.60
C LEU A 343 -2.97 -12.60 15.91
N VAL A 344 -4.29 -12.79 15.82
CA VAL A 344 -5.16 -11.80 15.22
C VAL A 344 -5.21 -10.50 16.03
N ASP A 345 -5.30 -10.64 17.34
CA ASP A 345 -5.34 -9.45 18.20
C ASP A 345 -3.99 -8.75 18.24
N ALA A 346 -2.92 -9.53 18.17
CA ALA A 346 -1.59 -8.93 18.19
C ALA A 346 -1.43 -8.07 16.94
N GLY A 347 -1.92 -8.57 15.82
CA GLY A 347 -1.81 -7.81 14.59
C GLY A 347 -2.62 -6.52 14.65
N MET A 348 -3.84 -6.60 15.16
CA MET A 348 -4.66 -5.40 15.20
C MET A 348 -4.06 -4.38 16.14
N ARG A 349 -3.32 -4.86 17.14
CA ARG A 349 -2.71 -3.94 18.07
C ARG A 349 -1.53 -3.25 17.43
N GLU A 350 -0.70 -4.02 16.73
CA GLU A 350 0.47 -3.46 16.09
C GLU A 350 0.04 -2.44 15.05
N LEU A 351 -1.03 -2.76 14.34
CA LEU A 351 -1.50 -1.84 13.33
C LEU A 351 -2.01 -0.56 13.99
N TRP A 352 -2.86 -0.70 14.99
CA TRP A 352 -3.37 0.49 15.66
C TRP A 352 -2.26 1.38 16.23
N ALA A 353 -1.26 0.77 16.85
CA ALA A 353 -0.19 1.54 17.46
C ALA A 353 0.91 2.06 16.55
N THR A 354 1.14 1.39 15.44
CA THR A 354 2.24 1.79 14.57
C THR A 354 1.92 2.05 13.11
N GLY A 355 0.77 1.62 12.66
CA GLY A 355 0.43 1.83 11.26
C GLY A 355 1.18 0.89 10.37
N TRP A 356 1.83 -0.12 10.97
CA TRP A 356 2.58 -1.09 10.17
C TRP A 356 2.22 -2.54 10.38
N LEU A 357 2.30 -3.32 9.31
CA LEU A 357 2.01 -4.75 9.35
C LEU A 357 2.73 -5.56 8.29
N HIS A 358 3.37 -6.64 8.72
CA HIS A 358 4.05 -7.54 7.80
C HIS A 358 2.93 -8.13 6.92
N ASP A 359 3.23 -8.47 5.69
CA ASP A 359 2.21 -9.03 4.81
C ASP A 359 1.48 -10.24 5.43
N ARG A 360 2.22 -11.16 6.03
CA ARG A 360 1.58 -12.35 6.59
C ARG A 360 0.49 -12.03 7.59
N ILE A 361 0.74 -11.04 8.43
CA ILE A 361 -0.24 -10.69 9.45
C ILE A 361 -1.42 -9.99 8.80
N ARG A 362 -1.18 -9.29 7.69
CA ARG A 362 -2.26 -8.60 7.03
C ARG A 362 -3.19 -9.65 6.48
N VAL A 363 -2.63 -10.78 6.02
CA VAL A 363 -3.46 -11.83 5.48
C VAL A 363 -4.22 -12.48 6.63
N VAL A 364 -3.49 -12.81 7.70
CA VAL A 364 -4.10 -13.40 8.89
C VAL A 364 -5.27 -12.56 9.43
N VAL A 365 -5.08 -11.26 9.62
CA VAL A 365 -6.17 -10.48 10.15
C VAL A 365 -7.31 -10.20 9.18
N SER A 366 -7.01 -10.02 7.91
CA SER A 366 -8.07 -9.75 6.94
C SER A 366 -8.79 -11.05 6.63
N SER A 367 -8.07 -12.15 6.70
CA SER A 367 -8.69 -13.43 6.40
C SER A 367 -9.74 -13.70 7.47
N PHE A 368 -9.34 -13.53 8.73
CA PHE A 368 -10.24 -13.74 9.87
C PHE A 368 -11.45 -12.84 9.74
N PHE A 369 -11.23 -11.67 9.16
CA PHE A 369 -12.27 -10.67 8.99
C PHE A 369 -13.41 -11.10 8.09
N VAL A 370 -13.06 -11.80 7.01
CA VAL A 370 -14.06 -12.24 6.06
C VAL A 370 -14.55 -13.67 6.26
N LYS A 371 -13.81 -14.50 6.97
CA LYS A 371 -14.27 -15.87 7.14
C LYS A 371 -14.81 -16.20 8.51
N VAL A 372 -14.21 -15.65 9.56
CA VAL A 372 -14.71 -15.91 10.90
C VAL A 372 -15.81 -14.89 11.28
N LEU A 373 -15.52 -13.61 11.16
CA LEU A 373 -16.50 -12.58 11.52
C LEU A 373 -17.49 -12.38 10.37
N GLN A 374 -17.00 -12.60 9.16
CA GLN A 374 -17.82 -12.47 7.95
C GLN A 374 -18.41 -11.08 7.70
N LEU A 375 -17.57 -10.06 7.89
CA LEU A 375 -17.94 -8.67 7.67
C LEU A 375 -17.66 -8.27 6.22
N PRO A 376 -18.24 -7.15 5.77
CA PRO A 376 -18.01 -6.69 4.41
C PRO A 376 -16.55 -6.27 4.17
N TRP A 377 -15.93 -6.80 3.13
CA TRP A 377 -14.55 -6.48 2.84
C TRP A 377 -14.28 -4.98 2.64
N ARG A 378 -15.28 -4.22 2.20
CA ARG A 378 -15.07 -2.78 2.03
C ARG A 378 -14.72 -2.14 3.38
N TRP A 379 -15.27 -2.66 4.46
CA TRP A 379 -15.00 -2.12 5.80
C TRP A 379 -13.55 -2.37 6.23
N GLY A 380 -13.06 -3.55 5.93
CA GLY A 380 -11.69 -3.88 6.27
C GLY A 380 -10.76 -3.05 5.40
N MET A 381 -11.15 -2.85 4.16
CA MET A 381 -10.34 -2.07 3.24
C MET A 381 -10.21 -0.63 3.72
N LYS A 382 -11.34 -0.05 4.11
CA LYS A 382 -11.38 1.32 4.59
C LYS A 382 -10.57 1.52 5.87
N TYR A 383 -10.67 0.58 6.82
CA TYR A 383 -9.94 0.68 8.08
C TYR A 383 -8.44 0.67 7.79
N PHE A 384 -8.01 -0.29 6.97
CA PHE A 384 -6.62 -0.40 6.55
C PHE A 384 -6.14 0.89 5.90
N TRP A 385 -6.97 1.44 5.03
CA TRP A 385 -6.63 2.66 4.34
C TRP A 385 -6.46 3.82 5.31
N ASP A 386 -7.26 3.84 6.37
CA ASP A 386 -7.15 4.93 7.34
C ASP A 386 -5.98 4.75 8.29
N THR A 387 -5.54 3.51 8.48
CA THR A 387 -4.49 3.28 9.46
C THR A 387 -3.13 2.84 9.01
N LEU A 388 -3.00 2.43 7.74
CA LEU A 388 -1.71 1.95 7.23
C LEU A 388 -0.79 3.06 6.77
N LEU A 389 0.48 2.91 7.11
CA LEU A 389 1.52 3.86 6.76
C LEU A 389 1.74 3.84 5.24
N ASP A 390 1.48 2.68 4.61
CA ASP A 390 1.64 2.57 3.17
C ASP A 390 0.28 2.42 2.50
N ALA A 391 -0.76 2.95 3.13
CA ALA A 391 -2.10 2.87 2.55
C ALA A 391 -2.03 3.20 1.06
N ASP A 392 -2.48 2.24 0.25
CA ASP A 392 -2.47 2.34 -1.21
C ASP A 392 -3.77 1.72 -1.76
N LEU A 393 -4.60 2.54 -2.41
CA LEU A 393 -5.88 2.09 -2.95
C LEU A 393 -5.74 0.81 -3.75
N GLU A 394 -4.82 0.82 -4.70
CA GLU A 394 -4.67 -0.37 -5.52
C GLU A 394 -4.21 -1.59 -4.75
N SER A 395 -3.14 -1.45 -3.99
CA SER A 395 -2.65 -2.59 -3.23
C SER A 395 -3.60 -3.06 -2.12
N ASP A 396 -4.34 -2.11 -1.55
CA ASP A 396 -5.29 -2.43 -0.51
C ASP A 396 -6.51 -3.17 -1.11
N ALA A 397 -6.97 -2.70 -2.26
CA ALA A 397 -8.11 -3.35 -2.92
C ALA A 397 -7.74 -4.77 -3.35
N LEU A 398 -6.57 -4.89 -3.97
CA LEU A 398 -6.11 -6.17 -4.44
C LEU A 398 -6.04 -7.14 -3.27
N GLY A 399 -5.45 -6.68 -2.18
CA GLY A 399 -5.32 -7.52 -1.01
C GLY A 399 -6.64 -8.02 -0.47
N TRP A 400 -7.59 -7.10 -0.29
CA TRP A 400 -8.87 -7.50 0.24
C TRP A 400 -9.66 -8.39 -0.71
N GLN A 401 -9.66 -8.04 -2.00
CA GLN A 401 -10.38 -8.87 -2.94
C GLN A 401 -9.82 -10.29 -2.95
N TYR A 402 -8.50 -10.40 -2.92
CA TYR A 402 -7.87 -11.69 -2.92
C TYR A 402 -8.29 -12.51 -1.70
N ILE A 403 -8.17 -11.91 -0.51
CA ILE A 403 -8.51 -12.61 0.73
C ILE A 403 -9.96 -13.05 0.80
N THR A 404 -10.85 -12.20 0.30
CA THR A 404 -12.28 -12.45 0.33
C THR A 404 -12.76 -13.51 -0.66
N GLY A 405 -12.00 -13.67 -1.73
CA GLY A 405 -12.34 -14.67 -2.74
C GLY A 405 -13.08 -14.16 -3.95
N THR A 406 -12.95 -12.87 -4.26
CA THR A 406 -13.64 -12.32 -5.41
C THR A 406 -12.68 -12.11 -6.59
N LEU A 407 -11.53 -12.77 -6.52
CA LEU A 407 -10.54 -12.66 -7.59
C LEU A 407 -10.36 -13.98 -8.30
N PRO A 408 -10.12 -13.93 -9.62
CA PRO A 408 -9.92 -15.15 -10.42
C PRO A 408 -8.88 -16.07 -9.75
N ASP A 409 -7.92 -15.49 -9.05
CA ASP A 409 -6.93 -16.32 -8.38
C ASP A 409 -6.95 -16.29 -6.86
N SER A 410 -8.13 -16.20 -6.27
CA SER A 410 -8.26 -16.23 -4.82
C SER A 410 -8.23 -17.69 -4.40
N ARG A 411 -7.91 -17.96 -3.13
CA ARG A 411 -7.88 -19.35 -2.67
C ARG A 411 -9.34 -19.75 -2.43
N GLU A 412 -9.59 -21.03 -2.20
CA GLU A 412 -10.97 -21.46 -1.99
C GLU A 412 -11.67 -20.69 -0.88
N PHE A 413 -12.89 -20.24 -1.18
CA PHE A 413 -13.67 -19.46 -0.24
C PHE A 413 -14.11 -20.23 1.01
N ASP A 414 -14.72 -21.40 0.86
CA ASP A 414 -15.16 -22.11 2.06
C ASP A 414 -14.01 -22.76 2.81
N ARG A 415 -13.09 -21.92 3.29
CA ARG A 415 -11.94 -22.38 4.05
C ARG A 415 -11.64 -21.33 5.10
N ILE A 416 -11.66 -21.74 6.37
CA ILE A 416 -11.40 -20.85 7.50
C ILE A 416 -10.06 -21.16 8.16
N ASP A 417 -9.16 -20.18 8.21
CA ASP A 417 -7.86 -20.39 8.83
C ASP A 417 -7.96 -20.39 10.33
N ASN A 418 -7.18 -21.27 10.94
CA ASN A 418 -7.13 -21.43 12.38
C ASN A 418 -6.00 -20.57 12.95
N PRO A 419 -6.33 -19.47 13.64
CA PRO A 419 -5.28 -18.59 14.20
C PRO A 419 -4.31 -19.30 15.13
N GLN A 420 -4.76 -20.41 15.70
CA GLN A 420 -3.90 -21.15 16.59
C GLN A 420 -2.75 -21.72 15.78
N PHE A 421 -3.08 -22.33 14.63
CA PHE A 421 -2.06 -22.92 13.77
C PHE A 421 -1.23 -21.85 13.07
N GLU A 422 -1.87 -20.77 12.66
CA GLU A 422 -1.12 -19.70 12.01
C GLU A 422 -0.09 -19.23 13.04
N GLY A 423 -0.54 -19.22 14.30
CA GLY A 423 0.30 -18.82 15.42
C GLY A 423 1.53 -19.69 15.47
N TYR A 424 1.34 -21.00 15.34
CA TYR A 424 2.44 -21.96 15.35
C TYR A 424 3.39 -21.75 14.17
N LYS A 425 2.83 -21.44 13.01
CA LYS A 425 3.64 -21.21 11.82
C LYS A 425 4.49 -19.94 11.90
N PHE A 426 3.82 -18.80 12.07
CA PHE A 426 4.48 -17.51 12.09
C PHE A 426 5.02 -16.99 13.41
N ASP A 427 4.48 -17.47 14.54
CA ASP A 427 4.95 -17.00 15.84
C ASP A 427 5.10 -18.18 16.80
N PRO A 428 5.97 -19.13 16.45
CA PRO A 428 6.29 -20.37 17.18
C PRO A 428 6.58 -20.25 18.67
N ASN A 429 7.31 -19.23 19.08
CA ASN A 429 7.62 -19.10 20.50
C ASN A 429 6.82 -18.01 21.17
N GLY A 430 5.75 -17.56 20.50
CA GLY A 430 4.89 -16.53 21.04
C GLY A 430 5.55 -15.18 21.24
N GLU A 431 6.70 -14.96 20.62
CA GLU A 431 7.37 -13.66 20.78
C GLU A 431 6.53 -12.52 20.21
N TYR A 432 5.92 -12.76 19.06
CA TYR A 432 5.12 -11.71 18.45
C TYR A 432 3.91 -11.35 19.29
N VAL A 433 3.11 -12.35 19.62
CA VAL A 433 1.93 -12.14 20.45
C VAL A 433 2.26 -11.40 21.76
N ARG A 434 3.34 -11.80 22.41
CA ARG A 434 3.70 -11.17 23.66
C ARG A 434 4.21 -9.74 23.51
N ARG A 435 4.81 -9.43 22.36
CA ARG A 435 5.27 -8.07 22.17
C ARG A 435 4.05 -7.12 22.04
N TRP A 436 3.02 -7.55 21.31
CA TRP A 436 1.87 -6.70 21.10
C TRP A 436 0.67 -6.82 22.06
N LEU A 437 0.69 -7.85 22.90
CA LEU A 437 -0.37 -8.04 23.88
C LEU A 437 0.26 -8.13 25.27
N PRO A 438 0.42 -6.99 25.96
CA PRO A 438 1.05 -7.12 27.28
C PRO A 438 0.25 -8.06 28.20
N GLU A 439 -1.08 -8.00 28.12
CA GLU A 439 -1.91 -8.85 28.95
C GLU A 439 -1.48 -10.31 28.87
N LEU A 440 -0.87 -10.71 27.76
CA LEU A 440 -0.44 -12.09 27.63
C LEU A 440 1.05 -12.24 27.80
N SER A 441 1.72 -11.16 28.15
CA SER A 441 3.18 -11.19 28.31
C SER A 441 3.74 -12.24 29.28
N ARG A 442 2.89 -12.84 30.12
CA ARG A 442 3.34 -13.85 31.08
C ARG A 442 2.87 -15.28 30.78
N LEU A 443 2.08 -15.44 29.72
CA LEU A 443 1.57 -16.75 29.35
C LEU A 443 2.61 -17.64 28.66
N PRO A 444 2.86 -18.85 29.19
CA PRO A 444 3.85 -19.73 28.56
C PRO A 444 3.45 -20.20 27.14
N THR A 445 4.46 -20.43 26.31
CA THR A 445 4.27 -20.81 24.90
C THR A 445 3.27 -21.92 24.63
N ASP A 446 3.13 -22.86 25.56
CA ASP A 446 2.19 -23.97 25.36
C ASP A 446 0.77 -23.48 25.21
N TRP A 447 0.49 -22.27 25.69
CA TRP A 447 -0.88 -21.77 25.57
C TRP A 447 -1.00 -20.40 24.93
N ILE A 448 0.13 -19.83 24.53
CA ILE A 448 0.15 -18.49 23.94
C ILE A 448 -0.81 -18.31 22.75
N HIS A 449 -0.97 -19.33 21.92
CA HIS A 449 -1.89 -19.20 20.77
C HIS A 449 -3.29 -19.75 20.97
N HIS A 450 -3.58 -20.20 22.19
CA HIS A 450 -4.91 -20.72 22.54
C HIS A 450 -5.10 -20.69 24.06
N PRO A 451 -5.08 -19.48 24.65
CA PRO A 451 -5.24 -19.27 26.09
C PRO A 451 -6.55 -19.77 26.70
N TRP A 452 -7.62 -19.78 25.92
CA TRP A 452 -8.93 -20.22 26.40
C TRP A 452 -8.98 -21.68 26.85
N ASN A 453 -7.90 -22.44 26.63
CA ASN A 453 -7.82 -23.85 27.04
C ASN A 453 -7.05 -23.92 28.32
N ALA A 454 -5.97 -23.16 28.38
CA ALA A 454 -5.07 -23.15 29.51
C ALA A 454 -5.67 -23.36 30.90
N PRO A 455 -5.06 -24.25 31.69
CA PRO A 455 -5.46 -24.59 33.05
C PRO A 455 -5.50 -23.35 33.95
N GLU A 456 -6.53 -23.27 34.77
CA GLU A 456 -6.73 -22.14 35.67
C GLU A 456 -5.46 -21.66 36.37
N SER A 457 -4.62 -22.58 36.81
CA SER A 457 -3.41 -22.16 37.51
C SER A 457 -2.45 -21.38 36.63
N VAL A 458 -2.32 -21.76 35.35
CA VAL A 458 -1.41 -21.02 34.47
C VAL A 458 -1.96 -19.60 34.21
N LEU A 459 -3.27 -19.49 33.99
CA LEU A 459 -3.89 -18.19 33.78
C LEU A 459 -3.73 -17.32 35.04
N GLN A 460 -4.04 -17.89 36.21
CA GLN A 460 -3.91 -17.14 37.46
C GLN A 460 -2.50 -16.60 37.63
N ALA A 461 -1.52 -17.49 37.46
CA ALA A 461 -0.10 -17.13 37.59
C ALA A 461 0.31 -16.06 36.56
N ALA A 462 -0.35 -16.05 35.40
CA ALA A 462 0.00 -15.09 34.37
C ALA A 462 -0.75 -13.75 34.51
N GLY A 463 -1.75 -13.71 35.38
CA GLY A 463 -2.51 -12.49 35.58
C GLY A 463 -3.58 -12.35 34.52
N ILE A 464 -3.91 -13.44 33.83
CA ILE A 464 -4.91 -13.39 32.79
C ILE A 464 -6.25 -13.89 33.30
N GLU A 465 -7.27 -13.05 33.17
CA GLU A 465 -8.62 -13.39 33.58
C GLU A 465 -9.47 -13.38 32.31
N LEU A 466 -9.69 -14.56 31.75
CA LEU A 466 -10.46 -14.66 30.51
C LEU A 466 -11.80 -13.95 30.61
N GLY A 467 -12.06 -13.10 29.63
CA GLY A 467 -13.29 -12.33 29.59
C GLY A 467 -13.03 -10.93 30.08
N SER A 468 -11.88 -10.76 30.74
CA SER A 468 -11.51 -9.45 31.27
C SER A 468 -10.35 -8.80 30.55
N ASN A 469 -9.13 -9.01 31.03
CA ASN A 469 -8.02 -8.37 30.35
C ASN A 469 -7.61 -9.08 29.06
N TYR A 470 -8.32 -10.15 28.75
CA TYR A 470 -8.14 -10.84 27.47
C TYR A 470 -9.46 -11.59 27.31
N PRO A 471 -10.13 -11.36 26.18
CA PRO A 471 -11.42 -11.99 25.91
C PRO A 471 -11.40 -13.42 25.43
N LEU A 472 -12.55 -14.05 25.51
CA LEU A 472 -12.70 -15.41 25.02
C LEU A 472 -12.96 -15.23 23.56
N PRO A 473 -12.69 -16.26 22.76
CA PRO A 473 -12.93 -16.17 21.31
C PRO A 473 -14.32 -15.59 21.11
N ILE A 474 -14.39 -14.46 20.41
CA ILE A 474 -15.65 -13.78 20.15
C ILE A 474 -16.57 -14.61 19.28
N VAL A 475 -15.99 -15.57 18.57
CA VAL A 475 -16.74 -16.51 17.75
C VAL A 475 -15.86 -17.74 17.64
N GLY A 476 -16.41 -18.91 17.93
CA GLY A 476 -15.60 -20.12 17.84
C GLY A 476 -15.38 -20.49 16.39
N LEU A 477 -14.31 -21.25 16.12
CA LEU A 477 -14.04 -21.66 14.75
C LEU A 477 -15.15 -22.59 14.28
N ASP A 478 -15.49 -23.60 15.10
CA ASP A 478 -16.56 -24.53 14.73
C ASP A 478 -17.84 -23.79 14.41
N GLU A 479 -18.20 -22.88 15.31
CA GLU A 479 -19.42 -22.10 15.15
C GLU A 479 -19.31 -21.25 13.89
N ALA A 480 -18.08 -20.86 13.59
CA ALA A 480 -17.78 -20.04 12.41
C ALA A 480 -18.01 -20.80 11.08
N LYS A 481 -17.53 -22.05 11.01
CA LYS A 481 -17.71 -22.87 9.81
C LYS A 481 -19.21 -23.06 9.53
N ALA A 482 -19.96 -23.22 10.62
CA ALA A 482 -21.39 -23.42 10.55
C ALA A 482 -22.15 -22.23 9.99
N ARG A 483 -21.80 -21.01 10.42
CA ARG A 483 -22.52 -19.85 9.89
C ARG A 483 -22.11 -19.63 8.47
N LEU A 484 -20.86 -20.00 8.15
CA LEU A 484 -20.35 -19.84 6.79
C LEU A 484 -21.19 -20.71 5.85
N HIS A 485 -21.46 -21.93 6.30
CA HIS A 485 -22.25 -22.88 5.54
C HIS A 485 -23.68 -22.36 5.46
N GLU A 486 -24.24 -22.06 6.61
CA GLU A 486 -25.58 -21.53 6.65
C GLU A 486 -25.65 -20.33 5.69
N ALA A 487 -24.61 -19.50 5.67
CA ALA A 487 -24.63 -18.34 4.79
C ALA A 487 -24.66 -18.71 3.30
N LEU A 488 -23.90 -19.73 2.93
CA LEU A 488 -23.84 -20.19 1.54
C LEU A 488 -25.20 -20.75 1.14
N SER A 489 -25.75 -21.64 1.95
CA SER A 489 -27.05 -22.25 1.67
C SER A 489 -28.02 -21.14 1.31
N GLN A 490 -27.90 -20.04 2.02
CA GLN A 490 -28.76 -18.91 1.84
C GLN A 490 -28.48 -18.19 0.53
N MET A 491 -27.21 -17.89 0.24
CA MET A 491 -26.94 -17.18 -1.00
C MET A 491 -27.30 -18.04 -2.22
N TRP A 492 -27.10 -19.34 -2.11
CA TRP A 492 -27.45 -20.21 -3.22
C TRP A 492 -28.95 -20.14 -3.44
N GLN A 493 -29.69 -20.13 -2.34
CA GLN A 493 -31.14 -20.06 -2.40
C GLN A 493 -31.58 -18.70 -2.94
N LEU A 494 -30.82 -17.65 -2.64
CA LEU A 494 -31.14 -16.32 -3.16
C LEU A 494 -30.85 -16.29 -4.66
N GLU A 495 -29.87 -17.09 -5.08
CA GLU A 495 -29.51 -17.13 -6.48
C GLU A 495 -30.72 -17.56 -7.30
N ALA A 496 -31.48 -18.49 -6.75
CA ALA A 496 -32.70 -18.96 -7.41
C ALA A 496 -33.67 -17.77 -7.46
N ALA A 497 -33.37 -16.82 -8.35
CA ALA A 497 -34.13 -15.61 -8.56
C ALA A 497 -33.21 -14.59 -9.24
MG MG B . 0.02 -11.59 0.07
MG MG C . 9.81 -11.99 6.14
MG MG D . 10.26 -10.36 9.42
CL CL E . -18.18 -20.42 -3.54
PA FAD F . 8.43 -6.33 0.54
O1A FAD F . 8.11 -7.71 0.94
O2A FAD F . 9.75 -5.79 0.89
O5B FAD F . 8.22 -6.20 -1.07
C5B FAD F . 8.58 -5.02 -1.76
C4B FAD F . 7.35 -4.28 -2.32
O4B FAD F . 6.53 -5.17 -3.10
C3B FAD F . 6.42 -3.80 -1.21
O3B FAD F . 6.92 -2.60 -0.63
C2B FAD F . 5.20 -3.48 -2.07
O2B FAD F . 5.43 -2.28 -2.81
C1B FAD F . 5.17 -4.69 -3.00
N9A FAD F . 4.35 -5.78 -2.45
C8A FAD F . 4.78 -6.79 -1.69
N7A FAD F . 3.78 -7.63 -1.45
C5A FAD F . 2.69 -7.15 -2.04
C6A FAD F . 1.37 -7.57 -2.10
N6A FAD F . 0.99 -8.70 -1.51
N1A FAD F . 0.44 -6.79 -2.80
C2A FAD F . 0.87 -5.60 -3.41
N3A FAD F . 2.14 -5.24 -3.34
C4A FAD F . 3.05 -5.96 -2.67
N1 FAD F . 0.66 -2.87 0.30
C2 FAD F . 0.73 -1.47 0.18
O2 FAD F . 1.68 -0.95 -0.39
N3 FAD F . -0.34 -0.69 0.65
C4 FAD F . -1.46 -1.30 1.22
O4 FAD F . -2.39 -0.61 1.61
C4X FAD F . -1.54 -2.69 1.31
N5 FAD F . -2.68 -3.30 1.84
C5X FAD F . -2.77 -4.70 1.92
C6 FAD F . -3.92 -5.29 2.40
C7 FAD F . -4.04 -6.68 2.47
C7M FAD F . -5.35 -7.30 2.93
C8 FAD F . -2.97 -7.47 2.05
C8M FAD F . -3.03 -8.99 2.18
C9 FAD F . -1.81 -6.87 1.56
C9A FAD F . -1.70 -5.48 1.48
N10 FAD F . -0.56 -4.88 0.94
C10 FAD F . -0.48 -3.47 0.86
C1' FAD F . 0.56 -5.70 0.41
C2' FAD F . 1.75 -5.96 1.34
O2' FAD F . 1.32 -6.47 2.59
C3' FAD F . 2.62 -4.71 1.57
O3' FAD F . 2.95 -4.11 0.31
C4' FAD F . 3.92 -5.12 2.28
O4' FAD F . 3.60 -5.74 3.53
C5' FAD F . 4.86 -3.94 2.53
O5' FAD F . 6.09 -4.41 3.11
P FAD F . 7.49 -4.31 2.33
O1P FAD F . 7.59 -2.93 1.81
O2P FAD F . 8.56 -4.80 3.23
O3P FAD F . 7.28 -5.35 1.11
O3 NDS G . 11.95 4.88 6.83
S1 NDS G . 13.06 4.00 6.34
O1 NDS G . 14.33 4.75 6.06
O2 NDS G . 12.67 3.10 5.20
C4 NDS G . 13.47 2.89 7.75
C3 NDS G . 12.89 1.48 7.64
C2 NDS G . 11.75 1.26 8.65
N1 NDS G . 12.07 0.30 9.71
C1 NDS G . 13.37 0.62 10.33
C7 NDS G . 11.02 0.40 10.73
C5 NDS G . 12.10 -1.06 9.16
C6 NDS G . 12.37 -2.13 10.22
O1 HEZ H . -1.88 -14.47 -6.68
O1 HEZ H . -1.89 -14.47 -6.68
C1 HEZ H . -2.44 -13.16 -6.51
C1 HEZ H . -2.42 -13.16 -6.50
C2 HEZ H . -2.39 -12.81 -5.02
C2 HEZ H . -2.39 -12.80 -5.01
C3 HEZ H . -2.83 -11.36 -4.77
C3 HEZ H . -2.81 -11.36 -4.78
C4 HEZ H . -2.75 -11.05 -3.28
C4 HEZ H . -2.77 -11.03 -3.28
C5 HEZ H . -2.15 -9.65 -3.05
C5 HEZ H . -2.06 -9.69 -3.05
C6 HEZ H . -1.99 -9.38 -1.55
C6 HEZ H . -2.93 -8.72 -2.26
O6 HEZ H . -1.21 -10.42 -0.96
O6 HEZ H . -2.22 -7.49 -2.05
#